data_9H8H
#
_entry.id   9H8H
#
_cell.length_a   40.901
_cell.length_b   88.445
_cell.length_c   57.464
_cell.angle_alpha   90.000
_cell.angle_beta   94.803
_cell.angle_gamma   90.000
#
_symmetry.space_group_name_H-M   'P 1 21 1'
#
loop_
_entity.id
_entity.type
_entity.pdbx_description
1 polymer DC11
2 polymer 'Igk protein'
3 non-polymer DI(HYDROXYETHYL)ETHER
4 water water
#
loop_
_entity_poly.entity_id
_entity_poly.type
_entity_poly.pdbx_seq_one_letter_code
_entity_poly.pdbx_strand_id
1 'polypeptide(L)'
;EVQLQQSGAELVRSGASVKLSCTASGFNIKDYYMHWVKQRPEQGLEWIGWIDPENADTEYAPKFQGKATMTADTSSNTAY
LQLSSLTSEDTAVYYCKTGDYWGQGTTLTVSSAKTTPPSVYPLAPGSAAQTNSMVTLGCLVKGYFPEPVTVTWNSGSLSS
GVHTFPAVLESDLYTLSSSVTVPSSTWPSETVTCNVAHPASSTKVDKKIVPRDC
;
A
2 'polypeptide(L)'
;DVVMTQTPLTLSVTIGQPASISCKSSQSLLDSDGKTYLNWLLQRPGQSPKRLIFLVSKLDSGVPDRFTGSGSGTDFTLKI
SRVEAEDLGVYYCWQKTHFPQTFGGGTNLEIKRADAAPTVSIFPPSSEQLTSGGASVVCFLNNFYPKDINVKWKIDGSER
QNGVLNSWTDQDSKDSTYSMSSTLTLTKDEYERHNSYTCEATHKTSTSPIVKSFNRNEC
;
D
#
# COMPACT_ATOMS: atom_id res chain seq x y z
N GLU A 1 -22.71 -18.91 -13.89
CA GLU A 1 -21.97 -18.15 -12.85
C GLU A 1 -20.51 -18.06 -13.27
N VAL A 2 -20.14 -16.96 -13.96
CA VAL A 2 -18.78 -16.80 -14.44
C VAL A 2 -17.86 -16.55 -13.24
N GLN A 3 -16.76 -17.31 -13.15
CA GLN A 3 -15.85 -17.19 -12.01
C GLN A 3 -14.45 -17.61 -12.44
N LEU A 4 -13.48 -16.72 -12.27
CA LEU A 4 -12.08 -17.08 -12.46
C LEU A 4 -11.49 -17.24 -11.07
N GLN A 5 -11.05 -18.46 -10.77
CA GLN A 5 -10.46 -18.79 -9.47
CA GLN A 5 -10.44 -18.77 -9.47
C GLN A 5 -8.96 -19.00 -9.64
N GLN A 6 -8.20 -18.12 -9.01
CA GLN A 6 -6.75 -18.15 -9.04
C GLN A 6 -6.20 -18.92 -7.83
N SER A 7 -4.98 -19.41 -8.03
CA SER A 7 -4.28 -20.17 -7.03
C SER A 7 -3.83 -19.26 -5.89
N GLY A 8 -3.45 -19.90 -4.79
CA GLY A 8 -3.14 -19.20 -3.56
C GLY A 8 -1.78 -18.53 -3.59
N ALA A 9 -1.56 -17.69 -2.59
CA ALA A 9 -0.35 -16.90 -2.45
C ALA A 9 0.86 -17.80 -2.41
N GLU A 10 1.97 -17.28 -2.96
CA GLU A 10 3.22 -18.02 -2.92
C GLU A 10 4.35 -17.13 -2.45
N LEU A 11 5.25 -17.75 -1.72
CA LEU A 11 6.49 -17.14 -1.27
C LEU A 11 7.61 -18.03 -1.75
N VAL A 12 8.53 -17.45 -2.52
CA VAL A 12 9.60 -18.23 -3.11
C VAL A 12 10.91 -17.46 -3.02
N ARG A 13 11.99 -18.20 -3.20
CA ARG A 13 13.32 -17.63 -3.16
C ARG A 13 13.71 -17.08 -4.52
N SER A 14 14.59 -16.08 -4.50
CA SER A 14 15.11 -15.53 -5.74
C SER A 14 15.70 -16.65 -6.59
N GLY A 15 15.44 -16.57 -7.91
CA GLY A 15 15.95 -17.56 -8.85
C GLY A 15 14.96 -18.67 -9.16
N ALA A 16 13.97 -18.85 -8.29
CA ALA A 16 12.98 -19.90 -8.43
C ALA A 16 12.08 -19.63 -9.63
N SER A 17 11.23 -20.61 -9.91
CA SER A 17 10.10 -20.50 -10.82
CA SER A 17 10.11 -20.51 -10.83
C SER A 17 8.83 -20.80 -10.05
N VAL A 18 7.70 -20.27 -10.53
CA VAL A 18 6.38 -20.60 -10.01
C VAL A 18 5.44 -20.79 -11.19
N LYS A 19 4.36 -21.53 -10.97
CA LYS A 19 3.34 -21.71 -11.99
C LYS A 19 2.02 -21.39 -11.31
N LEU A 20 1.48 -20.22 -11.68
CA LEU A 20 0.22 -19.74 -11.15
C LEU A 20 -0.90 -20.32 -12.01
N SER A 21 -2.05 -20.55 -11.41
CA SER A 21 -3.19 -21.08 -12.13
C SER A 21 -4.41 -20.16 -12.01
N CYS A 22 -5.29 -20.32 -12.99
CA CYS A 22 -6.54 -19.59 -13.09
C CYS A 22 -7.53 -20.54 -13.71
N THR A 23 -8.50 -21.00 -12.93
CA THR A 23 -9.49 -21.96 -13.37
C THR A 23 -10.82 -21.24 -13.58
N ALA A 24 -11.38 -21.42 -14.77
CA ALA A 24 -12.63 -20.79 -15.16
C ALA A 24 -13.79 -21.74 -14.86
N SER A 25 -14.90 -21.17 -14.43
CA SER A 25 -16.17 -21.88 -14.44
C SER A 25 -17.26 -20.99 -15.04
N GLY A 26 -18.27 -21.61 -15.67
CA GLY A 26 -19.42 -20.91 -16.20
C GLY A 26 -19.26 -20.52 -17.67
N PHE A 27 -18.10 -20.87 -18.26
CA PHE A 27 -17.83 -20.69 -19.67
C PHE A 27 -16.63 -21.56 -20.04
N ASN A 28 -16.37 -21.66 -21.35
CA ASN A 28 -15.29 -22.47 -21.92
C ASN A 28 -14.11 -21.54 -22.23
N ILE A 29 -12.93 -21.79 -21.64
CA ILE A 29 -11.78 -20.91 -21.91
C ILE A 29 -11.38 -20.97 -23.38
N LYS A 30 -11.78 -22.02 -24.11
CA LYS A 30 -11.42 -22.11 -25.53
C LYS A 30 -12.13 -21.04 -26.35
N ASP A 31 -13.11 -20.36 -25.77
CA ASP A 31 -13.90 -19.41 -26.54
C ASP A 31 -13.31 -18.01 -26.54
N TYR A 32 -12.39 -17.67 -25.62
CA TYR A 32 -11.92 -16.30 -25.47
C TYR A 32 -10.45 -16.26 -25.06
N TYR A 33 -9.74 -15.20 -25.45
CA TYR A 33 -8.38 -14.99 -25.00
C TYR A 33 -8.34 -14.81 -23.49
N MET A 34 -7.27 -15.32 -22.87
CA MET A 34 -6.97 -15.13 -21.46
CA MET A 34 -7.01 -15.05 -21.48
C MET A 34 -5.73 -14.24 -21.36
N HIS A 35 -5.79 -13.23 -20.50
CA HIS A 35 -4.70 -12.29 -20.30
C HIS A 35 -4.19 -12.41 -18.87
N TRP A 36 -2.95 -11.98 -18.69
CA TRP A 36 -2.39 -11.81 -17.35
C TRP A 36 -1.85 -10.39 -17.19
N VAL A 37 -2.07 -9.87 -15.97
CA VAL A 37 -1.67 -8.52 -15.60
C VAL A 37 -0.97 -8.57 -14.23
N LYS A 38 0.14 -7.80 -14.14
CA LYS A 38 0.94 -7.67 -12.93
C LYS A 38 0.57 -6.36 -12.24
N GLN A 39 0.50 -6.36 -10.90
CA GLN A 39 0.29 -5.12 -10.18
C GLN A 39 1.23 -5.00 -8.99
N ARG A 40 2.00 -3.91 -8.97
CA ARG A 40 2.76 -3.55 -7.78
C ARG A 40 2.29 -2.22 -7.23
N PRO A 41 2.44 -1.98 -5.91
CA PRO A 41 1.96 -0.73 -5.30
C PRO A 41 2.63 0.52 -5.86
N GLU A 42 3.95 0.46 -6.07
CA GLU A 42 4.69 1.63 -6.50
C GLU A 42 4.55 1.78 -8.01
N GLN A 43 4.87 0.69 -8.72
CA GLN A 43 5.06 0.73 -10.16
C GLN A 43 3.76 0.53 -10.96
N GLY A 44 2.71 0.03 -10.30
CA GLY A 44 1.40 0.04 -10.92
C GLY A 44 1.10 -1.21 -11.74
N LEU A 45 0.12 -1.11 -12.65
CA LEU A 45 -0.34 -2.20 -13.48
C LEU A 45 0.50 -2.34 -14.72
N GLU A 46 0.83 -3.61 -15.10
CA GLU A 46 1.59 -3.89 -16.31
C GLU A 46 0.99 -5.15 -16.94
N TRP A 47 0.68 -5.06 -18.23
CA TRP A 47 0.15 -6.19 -18.99
C TRP A 47 1.29 -7.13 -19.37
N ILE A 48 1.05 -8.43 -19.15
CA ILE A 48 2.07 -9.45 -19.42
C ILE A 48 1.89 -10.09 -20.79
N GLY A 49 0.66 -10.49 -21.12
CA GLY A 49 0.43 -11.21 -22.36
C GLY A 49 -0.94 -11.83 -22.39
N TRP A 50 -1.26 -12.44 -23.55
CA TRP A 50 -2.44 -13.24 -23.69
C TRP A 50 -2.13 -14.58 -24.33
N ILE A 51 -3.04 -15.52 -24.08
CA ILE A 51 -3.06 -16.80 -24.75
C ILE A 51 -4.46 -17.02 -25.32
N ASP A 52 -4.47 -17.64 -26.50
CA ASP A 52 -5.69 -18.08 -27.14
C ASP A 52 -5.85 -19.57 -26.87
N PRO A 53 -6.69 -20.01 -25.90
CA PRO A 53 -6.70 -21.42 -25.55
C PRO A 53 -7.22 -22.33 -26.67
N GLU A 54 -7.95 -21.74 -27.64
CA GLU A 54 -8.51 -22.50 -28.77
C GLU A 54 -7.36 -23.10 -29.57
N ASN A 55 -6.22 -22.40 -29.71
CA ASN A 55 -5.13 -22.87 -30.56
C ASN A 55 -3.76 -22.77 -29.88
N ALA A 56 -3.71 -22.36 -28.60
CA ALA A 56 -2.50 -22.21 -27.81
C ALA A 56 -1.56 -21.12 -28.30
N ASP A 57 -2.05 -20.21 -29.17
CA ASP A 57 -1.27 -19.05 -29.60
C ASP A 57 -1.08 -18.07 -28.42
N THR A 58 0.07 -17.41 -28.37
CA THR A 58 0.44 -16.51 -27.29
C THR A 58 1.04 -15.24 -27.87
N GLU A 59 0.88 -14.15 -27.10
CA GLU A 59 1.62 -12.93 -27.34
C GLU A 59 2.01 -12.32 -26.00
N TYR A 60 3.29 -11.93 -25.87
CA TYR A 60 3.87 -11.39 -24.66
C TYR A 60 4.31 -9.95 -24.88
N ALA A 61 4.18 -9.14 -23.84
CA ALA A 61 4.84 -7.84 -23.83
C ALA A 61 6.35 -8.06 -23.91
N PRO A 62 7.09 -7.31 -24.73
CA PRO A 62 8.53 -7.57 -24.89
C PRO A 62 9.27 -7.74 -23.58
N LYS A 63 8.90 -6.96 -22.57
CA LYS A 63 9.63 -7.00 -21.31
C LYS A 63 9.41 -8.33 -20.57
N PHE A 64 8.37 -9.09 -20.92
CA PHE A 64 8.08 -10.34 -20.24
C PHE A 64 8.45 -11.57 -21.07
N GLN A 65 8.95 -11.35 -22.28
CA GLN A 65 9.36 -12.45 -23.14
C GLN A 65 10.32 -13.39 -22.41
N GLY A 66 11.31 -12.85 -21.73
CA GLY A 66 12.26 -13.76 -21.07
C GLY A 66 11.78 -14.50 -19.81
N LYS A 67 10.58 -14.20 -19.32
CA LYS A 67 10.20 -14.29 -17.92
C LYS A 67 8.94 -15.13 -17.77
N ALA A 68 7.97 -14.88 -18.63
CA ALA A 68 6.65 -15.49 -18.53
C ALA A 68 6.44 -16.52 -19.62
N THR A 69 5.73 -17.60 -19.28
CA THR A 69 5.27 -18.61 -20.21
C THR A 69 3.82 -18.92 -19.89
N MET A 70 2.93 -18.62 -20.84
CA MET A 70 1.51 -18.94 -20.69
C MET A 70 1.15 -20.25 -21.38
N THR A 71 0.35 -21.06 -20.69
CA THR A 71 -0.22 -22.28 -21.24
C THR A 71 -1.67 -22.40 -20.79
N ALA A 72 -2.39 -23.33 -21.40
CA ALA A 72 -3.72 -23.66 -20.98
C ALA A 72 -3.95 -25.16 -21.07
N ASP A 73 -4.67 -25.67 -20.07
CA ASP A 73 -5.18 -27.04 -20.06
C ASP A 73 -6.68 -26.94 -20.31
N THR A 74 -7.10 -27.08 -21.56
CA THR A 74 -8.50 -26.85 -21.88
C THR A 74 -9.36 -27.95 -21.28
N SER A 75 -8.81 -29.14 -21.07
CA SER A 75 -9.63 -30.20 -20.52
C SER A 75 -10.04 -29.89 -19.07
N SER A 76 -9.27 -29.04 -18.36
CA SER A 76 -9.57 -28.69 -16.98
C SER A 76 -9.93 -27.21 -16.85
N ASN A 77 -10.15 -26.55 -17.99
CA ASN A 77 -10.60 -25.17 -18.06
C ASN A 77 -9.67 -24.26 -17.27
N THR A 78 -8.35 -24.55 -17.31
CA THR A 78 -7.38 -23.80 -16.52
C THR A 78 -6.27 -23.22 -17.39
N ALA A 79 -5.96 -21.94 -17.11
CA ALA A 79 -4.81 -21.25 -17.68
C ALA A 79 -3.70 -21.21 -16.64
N TYR A 80 -2.45 -21.24 -17.10
CA TYR A 80 -1.28 -21.17 -16.23
C TYR A 80 -0.31 -20.11 -16.68
N LEU A 81 0.32 -19.48 -15.68
CA LEU A 81 1.37 -18.52 -15.91
C LEU A 81 2.60 -18.98 -15.15
N GLN A 82 3.62 -19.38 -15.90
CA GLN A 82 4.89 -19.73 -15.33
C GLN A 82 5.76 -18.49 -15.39
N LEU A 83 6.34 -18.17 -14.23
CA LEU A 83 7.30 -17.08 -14.12
C LEU A 83 8.61 -17.65 -13.64
N SER A 84 9.69 -17.30 -14.34
CA SER A 84 10.99 -17.93 -14.12
CA SER A 84 10.98 -17.93 -14.07
C SER A 84 12.06 -16.89 -13.80
N SER A 85 13.20 -17.39 -13.33
CA SER A 85 14.34 -16.58 -12.94
C SER A 85 13.86 -15.43 -12.07
N LEU A 86 13.11 -15.78 -11.03
CA LEU A 86 12.41 -14.74 -10.28
C LEU A 86 13.36 -13.87 -9.48
N THR A 87 13.01 -12.58 -9.37
CA THR A 87 13.71 -11.64 -8.52
C THR A 87 12.69 -10.86 -7.71
N SER A 88 13.19 -10.04 -6.78
CA SER A 88 12.34 -9.18 -5.98
C SER A 88 11.46 -8.27 -6.82
N GLU A 89 11.90 -7.90 -8.04
CA GLU A 89 11.06 -7.11 -8.94
C GLU A 89 9.79 -7.84 -9.42
N ASP A 90 9.71 -9.15 -9.22
CA ASP A 90 8.56 -9.98 -9.57
C ASP A 90 7.54 -10.05 -8.44
N THR A 91 7.89 -9.53 -7.25
CA THR A 91 6.96 -9.49 -6.14
C THR A 91 5.80 -8.58 -6.52
N ALA A 92 4.59 -9.13 -6.55
CA ALA A 92 3.46 -8.46 -7.14
C ALA A 92 2.21 -9.30 -6.91
N VAL A 93 1.04 -8.69 -7.23
CA VAL A 93 -0.19 -9.41 -7.44
C VAL A 93 -0.31 -9.69 -8.94
N TYR A 94 -0.72 -10.91 -9.28
CA TYR A 94 -0.91 -11.30 -10.67
C TYR A 94 -2.38 -11.61 -10.82
N TYR A 95 -2.98 -11.01 -11.86
CA TYR A 95 -4.36 -11.27 -12.21
C TYR A 95 -4.44 -12.00 -13.54
N CYS A 96 -5.39 -12.93 -13.63
CA CYS A 96 -5.85 -13.40 -14.93
C CYS A 96 -7.15 -12.64 -15.24
N LYS A 97 -7.44 -12.49 -16.53
CA LYS A 97 -8.68 -11.85 -16.95
C LYS A 97 -9.06 -12.40 -18.32
N THR A 98 -10.37 -12.46 -18.56
CA THR A 98 -10.88 -12.84 -19.86
C THR A 98 -12.19 -12.09 -20.09
N GLY A 99 -12.42 -11.69 -21.32
CA GLY A 99 -13.47 -10.72 -21.61
C GLY A 99 -13.35 -9.57 -20.62
N ASP A 100 -14.44 -9.29 -19.90
CA ASP A 100 -14.45 -8.21 -18.93
CA ASP A 100 -14.50 -8.22 -18.94
C ASP A 100 -14.52 -8.79 -17.52
N TYR A 101 -13.88 -9.94 -17.30
CA TYR A 101 -13.90 -10.56 -15.98
C TYR A 101 -12.45 -10.71 -15.49
N TRP A 102 -12.19 -10.24 -14.26
CA TRP A 102 -10.88 -10.35 -13.62
C TRP A 102 -10.94 -11.38 -12.51
N GLY A 103 -9.85 -12.15 -12.35
CA GLY A 103 -9.78 -13.02 -11.19
C GLY A 103 -9.44 -12.21 -9.94
N GLN A 104 -9.33 -12.90 -8.80
CA GLN A 104 -9.17 -12.26 -7.51
C GLN A 104 -7.72 -11.86 -7.27
N GLY A 105 -6.82 -12.38 -8.10
CA GLY A 105 -5.40 -12.09 -7.98
C GLY A 105 -4.69 -13.15 -7.13
N THR A 106 -3.40 -13.35 -7.43
CA THR A 106 -2.50 -14.16 -6.63
C THR A 106 -1.30 -13.29 -6.23
N THR A 107 -1.00 -13.28 -4.92
CA THR A 107 0.15 -12.56 -4.40
C THR A 107 1.39 -13.46 -4.50
N LEU A 108 2.42 -12.96 -5.16
CA LEU A 108 3.73 -13.60 -5.24
C LEU A 108 4.75 -12.72 -4.53
N THR A 109 5.48 -13.32 -3.58
CA THR A 109 6.58 -12.66 -2.92
C THR A 109 7.85 -13.45 -3.25
N VAL A 110 8.87 -12.72 -3.70
CA VAL A 110 10.17 -13.26 -4.09
C VAL A 110 11.25 -12.60 -3.25
N SER A 111 12.04 -13.41 -2.51
CA SER A 111 13.09 -12.84 -1.69
C SER A 111 14.23 -13.81 -1.48
N SER A 112 15.42 -13.28 -1.20
CA SER A 112 16.53 -14.11 -0.77
C SER A 112 16.68 -14.16 0.77
N ALA A 113 15.75 -13.53 1.49
CA ALA A 113 15.89 -13.42 2.93
C ALA A 113 15.64 -14.77 3.58
N LYS A 114 16.24 -14.96 4.75
CA LYS A 114 15.95 -16.10 5.60
C LYS A 114 14.87 -15.74 6.61
N THR A 115 14.08 -16.75 7.00
CA THR A 115 13.05 -16.53 8.01
C THR A 115 13.72 -15.98 9.26
N THR A 116 13.14 -14.87 9.77
CA THR A 116 13.70 -14.10 10.87
C THR A 116 12.52 -13.59 11.70
N PRO A 117 12.49 -13.86 13.03
CA PRO A 117 11.47 -13.31 13.89
C PRO A 117 11.73 -11.83 14.08
N PRO A 118 10.67 -11.03 14.32
CA PRO A 118 10.86 -9.61 14.57
C PRO A 118 11.56 -9.38 15.90
N SER A 119 12.35 -8.30 15.95
CA SER A 119 12.77 -7.70 17.21
C SER A 119 11.72 -6.66 17.58
N VAL A 120 11.09 -6.83 18.73
CA VAL A 120 9.95 -5.99 19.11
C VAL A 120 10.39 -5.12 20.29
N TYR A 121 10.25 -3.81 20.08
CA TYR A 121 10.77 -2.85 21.02
C TYR A 121 9.66 -1.95 21.51
N PRO A 122 9.57 -1.70 22.82
CA PRO A 122 8.56 -0.78 23.34
C PRO A 122 8.89 0.68 23.03
N LEU A 123 7.82 1.43 22.76
CA LEU A 123 7.90 2.87 22.57
C LEU A 123 7.13 3.49 23.72
N ALA A 124 7.86 3.81 24.79
CA ALA A 124 7.28 4.17 26.07
C ALA A 124 7.31 5.68 26.23
N PRO A 125 6.17 6.30 26.52
CA PRO A 125 6.20 7.70 26.89
C PRO A 125 6.65 7.89 28.32
N GLY A 126 6.96 9.13 28.61
CA GLY A 126 7.25 9.55 29.96
C GLY A 126 6.00 9.42 30.83
N SER A 127 6.21 9.16 32.11
CA SER A 127 5.09 9.14 33.06
C SER A 127 4.80 10.58 33.52
N ALA A 128 5.93 11.15 34.04
CA ALA A 128 5.83 12.58 34.44
C ALA A 128 5.25 13.36 33.25
N ALA A 129 5.67 12.99 32.04
CA ALA A 129 5.10 13.64 30.84
C ALA A 129 3.57 13.44 30.84
N GLN A 130 2.84 14.55 30.97
CA GLN A 130 1.36 14.52 30.95
C GLN A 130 0.90 15.14 29.62
N THR A 131 0.52 14.27 28.55
CA THR A 131 0.30 14.78 27.17
C THR A 131 -1.19 14.98 26.93
N ASN A 132 -1.73 16.16 27.26
CA ASN A 132 -3.15 16.47 27.11
C ASN A 132 -4.00 15.36 27.73
N SER A 133 -5.26 15.22 27.29
CA SER A 133 -6.15 14.20 27.83
C SER A 133 -5.81 12.78 27.34
N MET A 134 -4.87 12.63 26.41
CA MET A 134 -4.59 11.32 25.83
C MET A 134 -3.07 11.09 25.79
N VAL A 135 -2.69 9.82 25.81
CA VAL A 135 -1.29 9.45 25.79
C VAL A 135 -1.08 8.49 24.61
N THR A 136 -0.01 8.70 23.84
CA THR A 136 0.33 7.77 22.76
C THR A 136 1.53 6.91 23.16
N LEU A 137 1.35 5.61 22.97
CA LEU A 137 2.37 4.58 23.19
C LEU A 137 2.57 3.83 21.88
N GLY A 138 3.62 2.98 21.81
CA GLY A 138 3.75 2.19 20.60
C GLY A 138 4.68 1.00 20.77
N CYS A 139 4.77 0.26 19.67
CA CYS A 139 5.76 -0.82 19.54
CA CYS A 139 5.84 -0.73 19.57
C CYS A 139 6.39 -0.75 18.16
N LEU A 140 7.69 -0.97 18.10
CA LEU A 140 8.46 -1.10 16.88
C LEU A 140 8.76 -2.57 16.63
N VAL A 141 8.46 -3.01 15.42
CA VAL A 141 8.53 -4.42 15.07
C VAL A 141 9.52 -4.50 13.92
N LYS A 142 10.77 -4.81 14.25
CA LYS A 142 11.87 -4.57 13.34
C LYS A 142 12.54 -5.85 12.85
N GLY A 143 12.77 -5.86 11.55
CA GLY A 143 13.67 -6.79 10.91
C GLY A 143 13.18 -8.23 10.90
N TYR A 144 11.96 -8.43 10.39
CA TYR A 144 11.36 -9.75 10.31
C TYR A 144 11.18 -10.18 8.85
N PHE A 145 11.08 -11.50 8.67
CA PHE A 145 10.79 -12.04 7.36
C PHE A 145 10.19 -13.42 7.53
N PRO A 146 9.14 -13.84 6.80
CA PRO A 146 8.38 -13.02 5.84
C PRO A 146 7.18 -12.35 6.52
N GLU A 147 6.40 -11.62 5.73
CA GLU A 147 5.09 -11.19 6.17
CA GLU A 147 5.11 -11.17 6.25
C GLU A 147 4.20 -12.40 6.38
N PRO A 148 3.14 -12.35 7.21
CA PRO A 148 2.80 -11.20 8.05
C PRO A 148 3.19 -11.35 9.51
N VAL A 149 3.12 -10.22 10.21
CA VAL A 149 2.97 -10.23 11.65
C VAL A 149 1.53 -9.87 11.98
N THR A 150 1.07 -10.25 13.16
CA THR A 150 -0.21 -9.84 13.69
C THR A 150 0.04 -9.08 14.98
N VAL A 151 -0.31 -7.79 14.99
CA VAL A 151 -0.12 -6.91 16.14
C VAL A 151 -1.47 -6.69 16.83
N THR A 152 -1.48 -6.92 18.15
CA THR A 152 -2.62 -6.59 18.99
C THR A 152 -2.12 -5.80 20.18
N TRP A 153 -3.06 -5.15 20.85
CA TRP A 153 -2.80 -4.46 22.10
C TRP A 153 -3.69 -5.06 23.18
N ASN A 154 -3.10 -5.32 24.33
CA ASN A 154 -3.79 -5.94 25.46
C ASN A 154 -4.58 -7.16 25.00
N SER A 155 -3.88 -8.03 24.25
CA SER A 155 -4.41 -9.32 23.84
C SER A 155 -5.63 -9.20 22.93
N GLY A 156 -5.75 -8.03 22.27
CA GLY A 156 -6.87 -7.77 21.39
C GLY A 156 -7.95 -6.94 22.05
N SER A 157 -7.84 -6.72 23.36
CA SER A 157 -8.93 -6.04 24.03
CA SER A 157 -8.83 -5.99 24.14
C SER A 157 -8.91 -4.53 23.72
N LEU A 158 -7.78 -4.01 23.27
CA LEU A 158 -7.64 -2.61 22.96
C LEU A 158 -7.42 -2.45 21.46
N SER A 159 -8.46 -1.97 20.76
CA SER A 159 -8.46 -1.73 19.33
C SER A 159 -8.72 -0.27 19.00
N SER A 160 -9.48 0.42 19.85
CA SER A 160 -9.70 1.86 19.68
CA SER A 160 -9.71 1.85 19.66
C SER A 160 -8.41 2.66 19.85
N GLY A 161 -8.20 3.55 18.90
CA GLY A 161 -7.06 4.44 19.00
C GLY A 161 -5.77 3.77 18.53
N VAL A 162 -5.86 2.65 17.80
CA VAL A 162 -4.67 1.98 17.29
C VAL A 162 -4.43 2.35 15.82
N HIS A 163 -3.14 2.60 15.50
CA HIS A 163 -2.70 2.64 14.12
C HIS A 163 -1.55 1.67 13.93
N THR A 164 -1.78 0.61 13.16
CA THR A 164 -0.71 -0.33 12.82
C THR A 164 -0.35 -0.08 11.36
N PHE A 165 0.88 0.38 11.17
CA PHE A 165 1.32 0.89 9.88
C PHE A 165 1.68 -0.24 8.94
N PRO A 166 1.53 -0.05 7.63
CA PRO A 166 2.01 -1.04 6.66
C PRO A 166 3.51 -1.27 6.83
N ALA A 167 3.90 -2.54 6.67
CA ALA A 167 5.30 -2.89 6.68
C ALA A 167 6.02 -2.27 5.49
N VAL A 168 7.30 -1.95 5.70
CA VAL A 168 8.17 -1.56 4.61
C VAL A 168 9.44 -2.38 4.66
N LEU A 169 10.01 -2.62 3.48
CA LEU A 169 11.19 -3.47 3.35
C LEU A 169 12.47 -2.68 3.56
N GLU A 170 13.24 -3.06 4.60
CA GLU A 170 14.57 -2.55 4.90
C GLU A 170 15.59 -3.65 4.58
N SER A 171 16.43 -3.49 3.56
CA SER A 171 17.48 -4.46 3.30
C SER A 171 16.95 -5.89 3.41
N ASP A 172 15.89 -6.19 2.67
CA ASP A 172 15.33 -7.53 2.54
C ASP A 172 14.55 -7.95 3.78
N LEU A 173 14.56 -7.16 4.87
CA LEU A 173 13.69 -7.48 6.02
C LEU A 173 12.60 -6.45 6.17
N TYR A 174 11.50 -6.86 6.80
CA TYR A 174 10.36 -5.96 7.01
C TYR A 174 10.45 -5.27 8.38
N THR A 175 9.92 -4.04 8.42
CA THR A 175 9.73 -3.32 9.66
C THR A 175 8.37 -2.63 9.64
N LEU A 176 7.72 -2.63 10.79
CA LEU A 176 6.53 -1.80 10.96
C LEU A 176 6.48 -1.33 12.40
N SER A 177 5.56 -0.42 12.64
CA SER A 177 5.31 0.14 13.94
CA SER A 177 5.31 0.06 13.98
C SER A 177 3.80 0.15 14.16
N SER A 178 3.42 0.25 15.43
CA SER A 178 2.03 0.39 15.81
C SER A 178 1.97 1.37 16.96
N SER A 179 1.03 2.32 16.88
CA SER A 179 0.78 3.25 17.95
C SER A 179 -0.59 2.98 18.55
N VAL A 180 -0.74 3.31 19.84
CA VAL A 180 -2.06 3.25 20.46
C VAL A 180 -2.19 4.48 21.35
N THR A 181 -3.36 5.11 21.29
CA THR A 181 -3.61 6.33 22.03
C THR A 181 -4.73 6.03 23.04
N VAL A 182 -4.42 6.25 24.33
CA VAL A 182 -5.31 5.89 25.43
C VAL A 182 -5.59 7.13 26.27
N PRO A 183 -6.69 7.15 27.06
CA PRO A 183 -6.94 8.27 27.97
C PRO A 183 -5.82 8.34 29.01
N SER A 184 -5.35 9.57 29.28
CA SER A 184 -4.32 9.81 30.29
C SER A 184 -4.83 9.49 31.69
N SER A 185 -6.15 9.59 31.92
CA SER A 185 -6.76 9.13 33.16
C SER A 185 -6.41 7.67 33.49
N THR A 186 -6.19 6.85 32.45
CA THR A 186 -6.03 5.40 32.57
C THR A 186 -4.56 5.00 32.60
N TRP A 187 -3.66 5.94 32.33
CA TRP A 187 -2.29 5.51 32.13
C TRP A 187 -1.35 6.30 33.00
N PRO A 188 -0.36 5.68 33.67
CA PRO A 188 -0.08 4.24 33.58
C PRO A 188 -0.73 3.23 34.52
N SER A 189 -1.85 3.59 35.16
CA SER A 189 -2.47 2.71 36.14
C SER A 189 -3.01 1.44 35.49
N GLU A 190 -3.49 1.55 34.27
CA GLU A 190 -3.88 0.41 33.47
C GLU A 190 -2.72 0.11 32.52
N THR A 191 -2.22 -1.14 32.58
CA THR A 191 -1.09 -1.48 31.75
C THR A 191 -1.52 -1.63 30.29
N VAL A 192 -0.52 -1.35 29.45
CA VAL A 192 -0.63 -1.45 28.01
C VAL A 192 0.51 -2.34 27.52
N THR A 193 0.15 -3.38 26.75
CA THR A 193 1.08 -4.36 26.24
C THR A 193 0.81 -4.58 24.76
N CYS A 194 1.85 -4.51 23.92
N CYS A 194 1.89 -4.63 23.97
CA CYS A 194 1.67 -4.99 22.55
CA CYS A 194 1.84 -4.94 22.55
C CYS A 194 2.00 -6.48 22.52
C CYS A 194 2.16 -6.42 22.36
N ASN A 195 1.31 -7.14 21.60
CA ASN A 195 1.50 -8.55 21.31
C ASN A 195 1.78 -8.67 19.82
N VAL A 196 2.84 -9.40 19.47
CA VAL A 196 3.25 -9.44 18.08
C VAL A 196 3.52 -10.89 17.72
N ALA A 197 2.60 -11.46 16.94
CA ALA A 197 2.73 -12.84 16.48
C ALA A 197 3.41 -12.85 15.12
N HIS A 198 4.30 -13.85 14.93
CA HIS A 198 5.00 -14.11 13.68
C HIS A 198 5.00 -15.61 13.45
N PRO A 199 3.90 -16.17 12.94
CA PRO A 199 3.77 -17.62 12.82
C PRO A 199 4.89 -18.28 12.04
N ALA A 200 5.49 -17.56 11.08
CA ALA A 200 6.51 -18.16 10.24
C ALA A 200 7.75 -18.54 11.06
N SER A 201 7.93 -17.94 12.23
CA SER A 201 9.06 -18.21 13.11
C SER A 201 8.63 -18.86 14.42
N SER A 202 7.37 -19.28 14.54
CA SER A 202 6.84 -19.90 15.75
C SER A 202 6.99 -18.98 16.96
N THR A 203 6.86 -17.64 16.77
CA THR A 203 7.05 -16.68 17.83
C THR A 203 5.78 -15.84 18.04
N LYS A 204 5.60 -15.44 19.30
CA LYS A 204 4.70 -14.35 19.65
C LYS A 204 5.26 -13.68 20.90
N VAL A 205 5.53 -12.39 20.78
CA VAL A 205 6.20 -11.64 21.82
C VAL A 205 5.23 -10.62 22.39
N ASP A 206 5.34 -10.43 23.70
CA ASP A 206 4.64 -9.38 24.42
C ASP A 206 5.66 -8.38 24.96
N LYS A 207 5.34 -7.09 24.77
CA LYS A 207 6.14 -6.02 25.33
C LYS A 207 5.19 -5.12 26.13
N LYS A 208 5.31 -5.21 27.44
CA LYS A 208 4.62 -4.31 28.35
C LYS A 208 5.30 -2.94 28.27
N ILE A 209 4.49 -1.91 28.11
CA ILE A 209 5.02 -0.55 28.10
C ILE A 209 5.13 -0.10 29.55
N VAL A 210 6.37 0.20 29.97
CA VAL A 210 6.66 0.73 31.28
C VAL A 210 6.93 2.21 31.12
N PRO A 211 6.25 3.08 31.89
CA PRO A 211 6.52 4.51 31.75
C PRO A 211 7.99 4.85 31.97
N ARG A 212 8.51 5.75 31.14
CA ARG A 212 9.83 6.32 31.35
C ARG A 212 9.69 7.35 32.47
N ASP A 213 9.99 6.94 33.70
CA ASP A 213 9.92 7.78 34.88
C ASP A 213 11.32 8.22 35.23
N CYS A 214 11.74 9.37 34.70
CA CYS A 214 13.14 9.76 34.74
C CYS A 214 13.63 10.05 36.18
N ASP B 1 7.33 2.57 -24.33
CA ASP B 1 5.90 2.18 -24.39
C ASP B 1 5.14 3.49 -24.33
N VAL B 2 3.84 3.42 -24.60
CA VAL B 2 3.00 4.58 -24.44
C VAL B 2 2.81 4.81 -22.95
N VAL B 3 3.04 6.07 -22.57
CA VAL B 3 2.95 6.49 -21.20
C VAL B 3 1.60 7.17 -21.01
N MET B 4 0.91 6.81 -19.94
CA MET B 4 -0.43 7.27 -19.64
C MET B 4 -0.28 8.04 -18.32
N THR B 5 -0.50 9.35 -18.36
CA THR B 5 -0.32 10.21 -17.20
C THR B 5 -1.66 10.77 -16.71
N GLN B 6 -1.98 10.54 -15.45
CA GLN B 6 -3.26 10.92 -14.88
C GLN B 6 -3.11 12.18 -14.04
N THR B 7 -4.13 13.03 -14.14
CA THR B 7 -4.21 14.24 -13.30
C THR B 7 -5.60 14.32 -12.68
N PRO B 8 -5.76 14.65 -11.38
CA PRO B 8 -4.69 14.75 -10.39
C PRO B 8 -4.27 13.36 -9.89
N LEU B 9 -3.30 13.33 -8.98
CA LEU B 9 -2.95 12.10 -8.30
C LEU B 9 -4.02 11.69 -7.29
N THR B 10 -4.56 12.70 -6.61
CA THR B 10 -5.60 12.52 -5.61
C THR B 10 -6.64 13.60 -5.85
N LEU B 11 -7.91 13.20 -5.86
CA LEU B 11 -9.00 14.13 -5.92
C LEU B 11 -9.80 14.00 -4.64
N SER B 12 -9.95 15.13 -3.93
CA SER B 12 -10.75 15.21 -2.73
C SER B 12 -12.20 15.51 -3.09
N VAL B 13 -13.11 14.59 -2.80
CA VAL B 13 -14.49 14.65 -3.26
C VAL B 13 -15.44 14.88 -2.09
N THR B 14 -16.63 15.37 -2.42
CA THR B 14 -17.74 15.50 -1.49
C THR B 14 -18.91 14.73 -2.07
N ILE B 15 -19.58 13.89 -1.27
CA ILE B 15 -20.71 13.13 -1.75
C ILE B 15 -21.78 14.11 -2.26
N GLY B 16 -22.24 13.87 -3.49
CA GLY B 16 -23.25 14.68 -4.15
C GLY B 16 -22.64 15.66 -5.15
N GLN B 17 -21.31 15.86 -5.11
CA GLN B 17 -20.64 16.81 -5.97
C GLN B 17 -19.90 16.17 -7.12
N PRO B 18 -19.69 16.91 -8.22
CA PRO B 18 -19.02 16.31 -9.37
C PRO B 18 -17.53 16.04 -9.16
N ALA B 19 -17.02 15.14 -10.00
CA ALA B 19 -15.61 14.83 -10.05
C ALA B 19 -15.18 14.69 -11.51
N SER B 20 -13.93 15.06 -11.77
CA SER B 20 -13.36 14.96 -13.10
C SER B 20 -11.91 14.49 -12.97
N ILE B 21 -11.54 13.50 -13.79
CA ILE B 21 -10.21 12.89 -13.81
C ILE B 21 -9.71 12.93 -15.25
N SER B 22 -8.46 13.33 -15.44
CA SER B 22 -7.85 13.45 -16.76
CA SER B 22 -7.93 13.36 -16.80
C SER B 22 -6.79 12.37 -17.00
N CYS B 23 -6.64 12.00 -18.26
CA CYS B 23 -5.66 11.03 -18.68
C CYS B 23 -5.05 11.58 -19.96
N LYS B 24 -3.74 11.71 -20.01
CA LYS B 24 -3.00 12.16 -21.18
C LYS B 24 -2.06 11.03 -21.61
N SER B 25 -2.13 10.66 -22.90
CA SER B 25 -1.25 9.66 -23.47
C SER B 25 -0.10 10.33 -24.22
N SER B 26 1.04 9.63 -24.26
CA SER B 26 2.22 10.16 -24.91
C SER B 26 2.14 10.10 -26.43
N GLN B 27 1.22 9.27 -26.94
CA GLN B 27 0.99 9.07 -28.35
C GLN B 27 -0.51 9.01 -28.57
N SER B 28 -0.95 9.42 -29.75
CA SER B 28 -2.36 9.31 -30.09
C SER B 28 -2.86 7.88 -29.93
N LEU B 29 -4.05 7.71 -29.38
CA LEU B 29 -4.70 6.42 -29.22
C LEU B 29 -5.71 6.13 -30.34
N LEU B 30 -5.74 6.99 -31.38
CA LEU B 30 -6.57 6.70 -32.53
C LEU B 30 -5.91 5.58 -33.34
N ASP B 31 -6.57 4.43 -33.36
CA ASP B 31 -6.12 3.26 -34.09
C ASP B 31 -6.34 3.52 -35.58
N SER B 32 -5.53 2.86 -36.42
CA SER B 32 -5.69 2.95 -37.86
C SER B 32 -7.07 2.41 -38.28
N ASP B 33 -7.72 1.61 -37.44
CA ASP B 33 -9.06 1.10 -37.72
C ASP B 33 -10.17 2.12 -37.45
N GLY B 34 -9.79 3.28 -36.90
CA GLY B 34 -10.69 4.39 -36.67
C GLY B 34 -11.26 4.42 -35.26
N LYS B 35 -11.04 3.35 -34.49
CA LYS B 35 -11.49 3.30 -33.11
C LYS B 35 -10.37 3.74 -32.18
N THR B 36 -10.78 4.12 -30.96
CA THR B 36 -9.89 4.59 -29.92
C THR B 36 -10.07 3.68 -28.70
N TYR B 37 -9.05 2.87 -28.39
CA TYR B 37 -9.15 1.81 -27.38
C TYR B 37 -8.63 2.32 -26.05
N LEU B 38 -9.46 3.13 -25.39
CA LEU B 38 -9.17 3.73 -24.11
C LEU B 38 -10.28 3.35 -23.13
N ASN B 39 -9.85 2.69 -22.06
CA ASN B 39 -10.72 2.16 -21.02
C ASN B 39 -10.46 2.87 -19.69
N TRP B 40 -11.43 2.81 -18.77
CA TRP B 40 -11.30 3.21 -17.39
C TRP B 40 -11.62 2.03 -16.48
N LEU B 41 -10.77 1.87 -15.47
CA LEU B 41 -10.93 0.90 -14.40
C LEU B 41 -11.13 1.60 -13.07
N LEU B 42 -11.88 0.94 -12.17
CA LEU B 42 -11.90 1.30 -10.77
C LEU B 42 -11.39 0.13 -9.94
N GLN B 43 -10.48 0.40 -9.03
CA GLN B 43 -10.09 -0.56 -8.03
C GLN B 43 -10.36 0.02 -6.65
N ARG B 44 -11.24 -0.68 -5.97
CA ARG B 44 -11.50 -0.40 -4.56
C ARG B 44 -10.43 -1.13 -3.72
N PRO B 45 -10.07 -0.63 -2.51
CA PRO B 45 -9.01 -1.22 -1.70
C PRO B 45 -9.13 -2.73 -1.46
N GLY B 46 -8.03 -3.45 -1.66
CA GLY B 46 -7.99 -4.90 -1.47
C GLY B 46 -8.89 -5.65 -2.46
N GLN B 47 -9.36 -4.99 -3.53
CA GLN B 47 -10.23 -5.65 -4.50
C GLN B 47 -9.59 -5.68 -5.89
N SER B 48 -10.14 -6.55 -6.75
CA SER B 48 -9.69 -6.62 -8.13
CA SER B 48 -9.73 -6.64 -8.14
C SER B 48 -10.21 -5.41 -8.90
N PRO B 49 -9.48 -4.96 -9.93
CA PRO B 49 -9.98 -3.93 -10.82
C PRO B 49 -11.27 -4.35 -11.52
N LYS B 50 -12.09 -3.35 -11.85
CA LYS B 50 -13.31 -3.57 -12.59
C LYS B 50 -13.43 -2.44 -13.62
N ARG B 51 -13.71 -2.83 -14.87
CA ARG B 51 -13.83 -1.88 -15.95
C ARG B 51 -15.19 -1.18 -15.87
N LEU B 52 -15.18 0.14 -16.06
CA LEU B 52 -16.43 0.87 -16.15
C LEU B 52 -16.67 1.49 -17.52
N ILE B 53 -15.62 1.85 -18.26
CA ILE B 53 -15.76 2.45 -19.57
C ILE B 53 -14.83 1.74 -20.55
N PHE B 54 -15.28 1.57 -21.78
CA PHE B 54 -14.44 1.09 -22.89
C PHE B 54 -14.75 1.93 -24.12
N LEU B 55 -13.81 1.92 -25.06
CA LEU B 55 -13.97 2.67 -26.30
C LEU B 55 -14.32 4.13 -25.97
N VAL B 56 -13.56 4.69 -25.03
CA VAL B 56 -13.60 6.09 -24.61
C VAL B 56 -14.86 6.45 -23.81
N SER B 57 -16.02 6.05 -24.31
CA SER B 57 -17.27 6.63 -23.84
C SER B 57 -18.37 5.61 -23.53
N LYS B 58 -18.11 4.32 -23.78
CA LYS B 58 -19.13 3.28 -23.63
C LYS B 58 -19.12 2.75 -22.21
N LEU B 59 -20.29 2.72 -21.58
CA LEU B 59 -20.37 2.26 -20.20
C LEU B 59 -20.55 0.76 -20.18
N ASP B 60 -19.82 0.12 -19.25
CA ASP B 60 -20.05 -1.28 -18.97
C ASP B 60 -21.42 -1.50 -18.33
N SER B 61 -21.89 -2.75 -18.44
CA SER B 61 -23.18 -3.14 -17.87
C SER B 61 -23.19 -2.91 -16.36
N GLY B 62 -24.25 -2.24 -15.87
CA GLY B 62 -24.42 -1.98 -14.45
C GLY B 62 -23.81 -0.65 -14.00
N VAL B 63 -23.05 0.01 -14.88
CA VAL B 63 -22.43 1.27 -14.50
C VAL B 63 -23.48 2.37 -14.58
N PRO B 64 -23.67 3.18 -13.52
CA PRO B 64 -24.70 4.23 -13.56
C PRO B 64 -24.34 5.38 -14.49
N ASP B 65 -25.37 6.07 -14.98
CA ASP B 65 -25.17 7.11 -15.98
C ASP B 65 -24.57 8.37 -15.37
N ARG B 66 -24.28 8.36 -14.06
CA ARG B 66 -23.51 9.42 -13.45
C ARG B 66 -22.09 9.47 -14.02
N PHE B 67 -21.63 8.34 -14.58
CA PHE B 67 -20.30 8.28 -15.17
C PHE B 67 -20.38 8.60 -16.65
N THR B 68 -19.46 9.45 -17.12
CA THR B 68 -19.31 9.68 -18.55
C THR B 68 -17.84 9.70 -18.90
N GLY B 69 -17.52 9.15 -20.08
CA GLY B 69 -16.17 9.30 -20.57
C GLY B 69 -16.15 10.05 -21.89
N SER B 70 -15.07 10.80 -22.07
CA SER B 70 -14.84 11.47 -23.33
C SER B 70 -13.36 11.47 -23.65
N GLY B 71 -13.07 11.92 -24.88
CA GLY B 71 -11.69 12.10 -25.23
C GLY B 71 -11.43 11.74 -26.70
N SER B 72 -10.26 12.17 -27.14
CA SER B 72 -9.74 11.78 -28.45
C SER B 72 -8.25 12.05 -28.46
N GLY B 73 -7.56 11.29 -29.31
CA GLY B 73 -6.16 11.58 -29.55
C GLY B 73 -5.33 11.19 -28.35
N THR B 74 -4.81 12.20 -27.66
CA THR B 74 -3.98 12.02 -26.47
C THR B 74 -4.71 12.43 -25.19
N ASP B 75 -5.95 12.93 -25.27
CA ASP B 75 -6.58 13.52 -24.08
C ASP B 75 -7.92 12.85 -23.81
N PHE B 76 -8.10 12.41 -22.55
CA PHE B 76 -9.28 11.67 -22.12
C PHE B 76 -9.72 12.16 -20.74
N THR B 77 -11.03 12.07 -20.50
CA THR B 77 -11.61 12.56 -19.26
C THR B 77 -12.69 11.56 -18.82
N LEU B 78 -12.67 11.28 -17.52
CA LEU B 78 -13.73 10.58 -16.85
C LEU B 78 -14.41 11.60 -15.92
N LYS B 79 -15.74 11.69 -16.03
CA LYS B 79 -16.54 12.57 -15.17
C LYS B 79 -17.56 11.76 -14.39
N ILE B 80 -17.75 12.15 -13.13
CA ILE B 80 -18.82 11.65 -12.29
C ILE B 80 -19.70 12.86 -11.93
N SER B 81 -20.97 12.81 -12.32
CA SER B 81 -21.85 13.96 -12.17
C SER B 81 -22.10 14.30 -10.70
N ARG B 82 -22.26 13.26 -9.87
CA ARG B 82 -22.36 13.40 -8.43
C ARG B 82 -21.72 12.16 -7.79
N VAL B 83 -20.72 12.38 -6.95
CA VAL B 83 -20.00 11.29 -6.31
C VAL B 83 -20.87 10.63 -5.23
N GLU B 84 -20.82 9.30 -5.22
CA GLU B 84 -21.44 8.49 -4.18
CA GLU B 84 -21.44 8.51 -4.17
C GLU B 84 -20.34 7.70 -3.47
N ALA B 85 -20.64 7.24 -2.25
CA ALA B 85 -19.68 6.52 -1.41
C ALA B 85 -19.01 5.38 -2.15
N GLU B 86 -19.81 4.65 -2.94
CA GLU B 86 -19.33 3.44 -3.61
C GLU B 86 -18.37 3.76 -4.75
N ASP B 87 -18.22 5.03 -5.09
CA ASP B 87 -17.31 5.44 -6.15
C ASP B 87 -15.87 5.61 -5.69
N LEU B 88 -15.64 5.61 -4.37
CA LEU B 88 -14.31 5.90 -3.86
C LEU B 88 -13.40 4.72 -4.17
N GLY B 89 -12.14 5.03 -4.50
CA GLY B 89 -11.15 4.07 -4.89
C GLY B 89 -10.21 4.72 -5.90
N VAL B 90 -9.40 3.89 -6.56
CA VAL B 90 -8.42 4.38 -7.50
C VAL B 90 -8.92 4.07 -8.91
N TYR B 91 -8.93 5.10 -9.76
CA TYR B 91 -9.32 4.99 -11.14
C TYR B 91 -8.07 4.99 -12.01
N TYR B 92 -8.04 4.04 -12.94
CA TYR B 92 -6.93 3.96 -13.88
C TYR B 92 -7.44 4.09 -15.32
N CYS B 93 -6.73 4.86 -16.14
CA CYS B 93 -6.98 4.76 -17.57
C CYS B 93 -6.09 3.66 -18.13
N TRP B 94 -6.48 3.19 -19.30
CA TRP B 94 -5.89 1.96 -19.83
C TRP B 94 -6.03 2.00 -21.35
N GLN B 95 -4.88 2.05 -22.04
CA GLN B 95 -4.87 2.12 -23.50
C GLN B 95 -4.52 0.77 -24.08
N LYS B 96 -5.25 0.35 -25.11
CA LYS B 96 -4.96 -0.85 -25.86
C LYS B 96 -4.66 -0.59 -27.33
N THR B 97 -4.68 0.66 -27.79
CA THR B 97 -4.42 0.93 -29.18
C THR B 97 -3.03 0.47 -29.61
N HIS B 98 -2.04 0.80 -28.78
CA HIS B 98 -0.65 0.57 -29.12
C HIS B 98 -0.14 -0.64 -28.35
N PHE B 99 0.44 -1.61 -29.04
CA PHE B 99 1.06 -2.73 -28.36
C PHE B 99 2.41 -2.31 -27.78
N PRO B 100 2.77 -2.64 -26.52
CA PRO B 100 1.88 -3.30 -25.57
C PRO B 100 0.91 -2.32 -24.91
N GLN B 101 -0.26 -2.82 -24.56
CA GLN B 101 -1.21 -2.02 -23.81
C GLN B 101 -0.58 -1.58 -22.49
N THR B 102 -0.98 -0.41 -22.00
CA THR B 102 -0.39 0.22 -20.83
C THR B 102 -1.49 0.93 -20.02
N PHE B 103 -1.15 1.16 -18.77
CA PHE B 103 -2.05 1.71 -17.76
C PHE B 103 -1.47 2.99 -17.18
N GLY B 104 -2.38 3.93 -16.86
CA GLY B 104 -2.00 5.13 -16.12
C GLY B 104 -1.62 4.77 -14.69
N GLY B 105 -1.06 5.74 -13.97
CA GLY B 105 -0.63 5.54 -12.62
C GLY B 105 -1.72 5.60 -11.57
N GLY B 106 -2.94 6.02 -11.94
CA GLY B 106 -4.07 6.01 -11.02
C GLY B 106 -4.34 7.40 -10.43
N THR B 107 -5.63 7.61 -10.13
CA THR B 107 -6.11 8.79 -9.43
C THR B 107 -6.93 8.26 -8.29
N ASN B 108 -6.58 8.66 -7.06
CA ASN B 108 -7.33 8.22 -5.89
C ASN B 108 -8.45 9.23 -5.65
N LEU B 109 -9.67 8.73 -5.46
CA LEU B 109 -10.74 9.57 -4.93
C LEU B 109 -10.82 9.37 -3.43
N GLU B 110 -10.69 10.47 -2.66
CA GLU B 110 -10.76 10.41 -1.21
C GLU B 110 -11.77 11.44 -0.75
N ILE B 111 -12.26 11.25 0.46
CA ILE B 111 -13.29 12.08 1.07
CA ILE B 111 -13.31 12.14 0.92
C ILE B 111 -12.69 13.37 1.61
N LYS B 112 -13.24 14.52 1.22
CA LYS B 112 -12.87 15.79 1.83
C LYS B 112 -13.51 15.90 3.22
N ARG B 113 -12.72 16.39 4.17
CA ARG B 113 -13.20 16.73 5.50
C ARG B 113 -12.44 17.98 5.93
N ALA B 114 -12.80 18.48 7.10
CA ALA B 114 -12.17 19.64 7.69
C ALA B 114 -10.71 19.33 8.03
N ASP B 115 -9.85 20.32 7.80
CA ASP B 115 -8.45 20.22 8.12
C ASP B 115 -8.29 19.83 9.58
N ALA B 116 -7.32 18.97 9.82
CA ALA B 116 -6.97 18.50 11.15
C ALA B 116 -5.45 18.43 11.27
N ALA B 117 -4.93 19.05 12.32
CA ALA B 117 -3.51 19.01 12.59
C ALA B 117 -3.13 17.62 13.09
N PRO B 118 -1.92 17.13 12.75
CA PRO B 118 -1.41 15.88 13.30
C PRO B 118 -1.12 15.96 14.80
N THR B 119 -1.36 14.85 15.48
CA THR B 119 -0.83 14.61 16.80
C THR B 119 0.53 13.94 16.64
N VAL B 120 1.59 14.60 17.08
CA VAL B 120 2.96 14.16 16.85
C VAL B 120 3.54 13.66 18.17
N SER B 121 4.15 12.46 18.13
CA SER B 121 4.78 11.84 19.30
C SER B 121 6.15 11.30 18.88
N ILE B 122 7.17 11.50 19.72
CA ILE B 122 8.52 11.01 19.46
C ILE B 122 8.98 10.09 20.57
N PHE B 123 9.76 9.07 20.15
CA PHE B 123 10.25 8.08 21.10
C PHE B 123 11.71 7.74 20.85
N PRO B 124 12.54 7.80 21.89
CA PRO B 124 13.92 7.36 21.76
C PRO B 124 13.99 5.85 21.53
N PRO B 125 15.19 5.38 21.12
CA PRO B 125 15.48 3.94 21.11
C PRO B 125 15.30 3.36 22.50
N SER B 126 14.74 2.15 22.52
CA SER B 126 14.65 1.35 23.73
C SER B 126 16.05 0.85 24.14
N SER B 127 16.23 0.64 25.46
CA SER B 127 17.46 0.04 25.95
C SER B 127 17.66 -1.33 25.33
N GLU B 128 16.56 -2.07 25.10
CA GLU B 128 16.66 -3.38 24.47
C GLU B 128 17.30 -3.29 23.11
N GLN B 129 16.89 -2.30 22.30
CA GLN B 129 17.45 -2.16 20.97
C GLN B 129 18.93 -1.78 21.07
N LEU B 130 19.25 -0.82 21.94
CA LEU B 130 20.60 -0.32 22.05
C LEU B 130 21.61 -1.43 22.33
N THR B 131 21.18 -2.57 22.89
CA THR B 131 22.07 -3.71 23.09
C THR B 131 22.40 -4.36 21.74
N SER B 132 21.56 -4.14 20.73
CA SER B 132 21.67 -4.77 19.42
C SER B 132 22.78 -4.11 18.61
N GLY B 133 23.18 -2.89 19.01
CA GLY B 133 24.11 -2.10 18.23
C GLY B 133 23.39 -1.21 17.22
N GLY B 134 22.05 -1.25 17.23
CA GLY B 134 21.24 -0.35 16.44
C GLY B 134 20.42 0.59 17.32
N ALA B 135 19.92 1.67 16.72
CA ALA B 135 19.16 2.68 17.43
C ALA B 135 18.14 3.30 16.49
N SER B 136 16.86 3.07 16.77
CA SER B 136 15.77 3.63 15.98
C SER B 136 15.04 4.68 16.82
N VAL B 137 14.77 5.85 16.21
CA VAL B 137 13.99 6.91 16.81
C VAL B 137 12.69 6.95 16.03
N VAL B 138 11.56 6.89 16.74
CA VAL B 138 10.27 6.75 16.08
C VAL B 138 9.44 8.00 16.30
N CYS B 139 8.82 8.50 15.22
CA CYS B 139 7.89 9.62 15.26
CA CYS B 139 7.84 9.57 15.36
C CYS B 139 6.55 9.17 14.67
N PHE B 140 5.47 9.31 15.43
CA PHE B 140 4.15 9.12 14.88
C PHE B 140 3.51 10.47 14.63
N LEU B 141 2.81 10.58 13.49
CA LEU B 141 2.07 11.80 13.15
C LEU B 141 0.68 11.31 12.80
N ASN B 142 -0.28 11.49 13.72
CA ASN B 142 -1.52 10.75 13.66
C ASN B 142 -2.71 11.69 13.45
N ASN B 143 -3.67 11.18 12.69
CA ASN B 143 -5.02 11.70 12.57
C ASN B 143 -5.01 13.11 12.00
N PHE B 144 -4.38 13.29 10.83
CA PHE B 144 -4.32 14.59 10.22
C PHE B 144 -5.05 14.58 8.87
N TYR B 145 -5.36 15.81 8.40
CA TYR B 145 -6.06 16.00 7.13
C TYR B 145 -5.75 17.41 6.66
N PRO B 146 -5.41 17.66 5.38
CA PRO B 146 -5.28 16.66 4.31
C PRO B 146 -4.03 15.79 4.43
N LYS B 147 -3.86 14.87 3.48
CA LYS B 147 -2.83 13.84 3.58
C LYS B 147 -1.44 14.40 3.34
N ASP B 148 -1.35 15.59 2.73
CA ASP B 148 -0.07 16.15 2.37
CA ASP B 148 -0.09 16.21 2.37
C ASP B 148 0.62 16.67 3.63
N ILE B 149 1.82 16.13 3.88
CA ILE B 149 2.57 16.43 5.08
C ILE B 149 4.05 16.22 4.76
N ASN B 150 4.90 17.08 5.31
CA ASN B 150 6.34 16.95 5.16
C ASN B 150 6.94 16.68 6.55
N VAL B 151 7.78 15.64 6.66
CA VAL B 151 8.44 15.30 7.90
C VAL B 151 9.95 15.36 7.69
N LYS B 152 10.62 16.06 8.61
CA LYS B 152 12.07 16.17 8.58
C LYS B 152 12.64 15.82 9.94
N TRP B 153 13.78 15.11 9.91
CA TRP B 153 14.55 14.80 11.09
C TRP B 153 15.75 15.72 11.23
N LYS B 154 16.01 16.15 12.47
CA LYS B 154 17.23 16.87 12.81
C LYS B 154 17.93 16.16 13.96
N ILE B 155 19.26 16.12 13.85
CA ILE B 155 20.13 15.62 14.89
C ILE B 155 21.06 16.77 15.24
N ASP B 156 21.02 17.19 16.51
CA ASP B 156 21.79 18.34 16.98
C ASP B 156 21.58 19.53 16.06
N GLY B 157 20.32 19.73 15.68
CA GLY B 157 19.90 20.90 14.94
C GLY B 157 20.14 20.81 13.43
N SER B 158 20.73 19.72 12.91
CA SER B 158 21.00 19.65 11.48
C SER B 158 20.17 18.54 10.82
N GLU B 159 19.58 18.89 9.67
CA GLU B 159 18.62 18.02 8.99
C GLU B 159 19.31 16.74 8.56
N ARG B 160 18.59 15.61 8.71
CA ARG B 160 19.10 14.28 8.45
C ARG B 160 18.13 13.52 7.55
N GLN B 161 18.62 13.01 6.42
CA GLN B 161 17.78 12.31 5.44
C GLN B 161 18.08 10.82 5.42
N ASN B 162 19.36 10.43 5.60
CA ASN B 162 19.75 9.03 5.50
C ASN B 162 19.25 8.26 6.71
N GLY B 163 18.70 7.07 6.45
CA GLY B 163 18.31 6.16 7.51
C GLY B 163 16.85 6.34 7.93
N VAL B 164 16.07 7.10 7.14
CA VAL B 164 14.66 7.31 7.46
C VAL B 164 13.79 6.31 6.70
N LEU B 165 12.82 5.74 7.41
CA LEU B 165 11.80 4.87 6.85
C LEU B 165 10.43 5.45 7.21
N ASN B 166 9.62 5.75 6.19
CA ASN B 166 8.27 6.28 6.40
C ASN B 166 7.21 5.26 5.99
N SER B 167 6.08 5.30 6.67
CA SER B 167 4.93 4.50 6.30
C SER B 167 3.66 5.27 6.61
N TRP B 168 2.62 4.98 5.84
CA TRP B 168 1.40 5.78 5.87
C TRP B 168 0.19 4.86 5.90
N THR B 169 -0.83 5.20 6.69
CA THR B 169 -2.10 4.53 6.61
C THR B 169 -2.92 5.09 5.45
N ASP B 170 -3.92 4.32 5.04
CA ASP B 170 -4.93 4.78 4.09
C ASP B 170 -5.91 5.69 4.84
N GLN B 171 -6.79 6.38 4.12
CA GLN B 171 -7.75 7.24 4.79
C GLN B 171 -8.60 6.40 5.75
N ASP B 172 -8.72 6.88 6.98
CA ASP B 172 -9.49 6.17 7.98
C ASP B 172 -10.98 6.10 7.60
N SER B 173 -11.60 4.94 7.84
CA SER B 173 -13.00 4.71 7.46
C SER B 173 -13.99 5.44 8.37
N LYS B 174 -13.54 5.81 9.57
CA LYS B 174 -14.40 6.41 10.57
C LYS B 174 -14.25 7.92 10.64
N ASP B 175 -13.03 8.46 10.54
CA ASP B 175 -12.84 9.89 10.76
C ASP B 175 -12.24 10.59 9.54
N SER B 176 -11.94 9.83 8.47
CA SER B 176 -11.40 10.35 7.21
C SER B 176 -10.06 11.06 7.35
N THR B 177 -9.30 10.78 8.40
CA THR B 177 -7.93 11.27 8.54
C THR B 177 -6.90 10.26 8.03
N TYR B 178 -5.64 10.73 8.04
CA TYR B 178 -4.45 9.97 7.68
C TYR B 178 -3.52 9.93 8.88
N SER B 179 -2.67 8.91 8.92
CA SER B 179 -1.60 8.84 9.90
C SER B 179 -0.31 8.39 9.23
N MET B 180 0.80 8.68 9.91
CA MET B 180 2.12 8.38 9.36
C MET B 180 3.06 7.99 10.48
N SER B 181 4.00 7.10 10.15
CA SER B 181 5.12 6.81 11.01
CA SER B 181 5.13 6.82 11.01
C SER B 181 6.42 7.15 10.27
N SER B 182 7.37 7.74 10.98
CA SER B 182 8.70 8.00 10.46
C SER B 182 9.71 7.47 11.48
N THR B 183 10.63 6.63 11.01
CA THR B 183 11.62 5.99 11.86
C THR B 183 13.01 6.28 11.30
N LEU B 184 13.85 6.85 12.17
CA LEU B 184 15.24 7.15 11.86
C LEU B 184 16.08 6.09 12.54
N THR B 185 16.84 5.33 11.75
CA THR B 185 17.70 4.30 12.33
C THR B 185 19.16 4.66 12.11
N LEU B 186 19.91 4.61 13.22
CA LEU B 186 21.33 4.92 13.31
C LEU B 186 22.03 3.70 13.90
N THR B 187 23.36 3.66 13.83
CA THR B 187 24.09 2.75 14.70
C THR B 187 23.99 3.30 16.11
N LYS B 188 24.14 2.39 17.08
CA LYS B 188 24.21 2.77 18.48
C LYS B 188 25.32 3.81 18.66
N ASP B 189 26.46 3.58 18.01
CA ASP B 189 27.62 4.45 18.17
C ASP B 189 27.29 5.87 17.70
N GLU B 190 26.59 6.03 16.57
CA GLU B 190 26.30 7.35 16.05
C GLU B 190 25.24 8.00 16.93
N TYR B 191 24.27 7.20 17.37
CA TYR B 191 23.22 7.70 18.26
C TYR B 191 23.85 8.33 19.51
N GLU B 192 24.87 7.68 20.07
CA GLU B 192 25.45 8.11 21.33
C GLU B 192 26.48 9.24 21.13
N ARG B 193 26.66 9.71 19.89
CA ARG B 193 27.56 10.84 19.64
C ARG B 193 26.79 12.16 19.54
N HIS B 194 25.46 12.13 19.72
CA HIS B 194 24.66 13.33 19.62
C HIS B 194 23.67 13.35 20.78
N ASN B 195 23.13 14.53 21.08
CA ASN B 195 22.27 14.68 22.26
C ASN B 195 20.82 14.92 21.84
N SER B 196 20.61 15.75 20.81
CA SER B 196 19.30 16.27 20.47
C SER B 196 18.72 15.58 19.24
N TYR B 197 17.46 15.12 19.34
CA TYR B 197 16.77 14.47 18.24
C TYR B 197 15.41 15.13 18.04
N THR B 198 15.08 15.47 16.77
CA THR B 198 13.87 16.22 16.51
C THR B 198 13.17 15.64 15.30
N CYS B 199 11.86 15.47 15.41
CA CYS B 199 10.93 15.23 14.31
CA CYS B 199 11.07 15.32 14.19
C CYS B 199 10.14 16.51 14.05
N GLU B 200 10.17 17.06 12.84
CA GLU B 200 9.46 18.29 12.49
C GLU B 200 8.47 18.03 11.37
N ALA B 201 7.23 18.44 11.57
CA ALA B 201 6.18 18.27 10.57
C ALA B 201 5.65 19.61 10.09
N THR B 202 5.60 19.77 8.76
CA THR B 202 4.94 20.91 8.15
C THR B 202 3.65 20.43 7.49
N HIS B 203 2.55 21.09 7.86
CA HIS B 203 1.21 20.72 7.44
C HIS B 203 0.43 22.01 7.30
N LYS B 204 -0.58 22.04 6.42
CA LYS B 204 -1.21 23.31 6.09
C LYS B 204 -1.93 23.93 7.29
N THR B 205 -2.24 23.10 8.31
CA THR B 205 -3.03 23.57 9.43
C THR B 205 -2.28 24.65 10.22
N SER B 206 -0.95 24.73 10.10
CA SER B 206 -0.22 25.84 10.69
C SER B 206 0.93 26.27 9.79
N THR B 207 1.26 27.57 9.89
CA THR B 207 2.27 28.18 9.04
C THR B 207 3.64 27.76 9.54
N SER B 208 3.73 27.48 10.85
CA SER B 208 4.96 27.03 11.48
C SER B 208 4.97 25.51 11.67
N PRO B 209 6.14 24.86 11.53
CA PRO B 209 6.24 23.40 11.72
C PRO B 209 5.96 22.94 13.14
N ILE B 210 5.38 21.74 13.28
CA ILE B 210 5.20 21.10 14.58
C ILE B 210 6.51 20.38 14.90
N VAL B 211 7.12 20.72 16.04
CA VAL B 211 8.43 20.23 16.42
C VAL B 211 8.30 19.36 17.67
N LYS B 212 8.70 18.09 17.56
CA LYS B 212 8.80 17.23 18.73
C LYS B 212 10.25 16.76 18.87
N SER B 213 10.77 16.89 20.10
CA SER B 213 12.20 16.72 20.37
C SER B 213 12.39 15.99 21.68
N PHE B 214 13.56 15.32 21.77
CA PHE B 214 14.09 14.95 23.06
C PHE B 214 15.58 15.23 23.04
N ASN B 215 16.13 15.35 24.24
CA ASN B 215 17.56 15.34 24.47
C ASN B 215 17.89 14.12 25.31
N ARG B 216 18.98 13.42 24.95
CA ARG B 216 19.34 12.21 25.67
C ARG B 216 19.67 12.51 27.13
N ASN B 217 20.22 13.70 27.41
CA ASN B 217 20.56 14.09 28.78
C ASN B 217 19.44 14.81 29.53
N GLU B 218 18.21 14.70 29.04
CA GLU B 218 17.08 15.28 29.75
C GLU B 218 16.01 14.24 30.00
N CYS B 219 15.05 14.61 30.83
CA CYS B 219 13.87 13.80 31.06
C CYS B 219 13.17 13.53 29.70
#